data_9B0C
#
_entry.id   9B0C
#
_cell.length_a   75.407
_cell.length_b   104.187
_cell.length_c   104.653
_cell.angle_alpha   90.00
_cell.angle_beta   90.00
_cell.angle_gamma   90.00
#
_symmetry.space_group_name_H-M   'C 2 2 21'
#
loop_
_entity.id
_entity.type
_entity.pdbx_description
1 polymer "6'-epimerase, C-6' aminotransferase"
2 non-polymer '(1R,2S,3S,4R,6S)-4,6-diamino-3-{[3-deoxy-4-C-methyl-3-(methylamino)-beta-L-arabinopyranosyl]oxy}-2-hydroxycyclohexyl 2-amino-2-deoxy-alpha-D-glucopyranoside'
3 non-polymer "4'-DEOXY-4'-AMINOPYRIDOXAL-5'-PHOSPHATE"
4 non-polymer 'CHLORIDE ION'
5 water water
#
_entity_poly.entity_id   1
_entity_poly.type   'polypeptide(L)'
_entity_poly.pdbx_seq_one_letter_code
;MIIANADGCTPYEVARGVTIVRGEGAYVYDAEGRGLIDLSNSFGSVMLGHQDPVVTEAVLKTVRSGVPAAASLDLQNHLA
EQIAGDLPGDQRVAFFKTGTAATRAAASAARQVTGKRLIASCGYHGYDLMWEFTPPGQPNSEDVLHCYHLPELIDQVLDK
HAHELAAVIIAPDYIHVSPEYIADLFERCERVGVVTIADEVKHGYRLRQGASVTEASVVADMYTYAKGISNGWPLSCVAG
DERFLKPLAEFVSTLTFEAPSFAAASATLDRLAELDVQAQLAIDGARFVSEAAKMISTRDLPIEMAGTGAAFQFVCAEEV
EEVLLPHALAEGLILEPSDQQYPSACFRGEVVDDALERLDRALTTMAAARPDLVGREVTQLDRVNAAFCQMDGLPGRPDG
WSLDQCVEYVTAQL
;
_entity_poly.pdbx_strand_id   A
#
loop_
_chem_comp.id
_chem_comp.type
_chem_comp.name
_chem_comp.formula
827 non-polymer '(1R,2S,3S,4R,6S)-4,6-diamino-3-{[3-deoxy-4-C-methyl-3-(methylamino)-beta-L-arabinopyranosyl]oxy}-2-hydroxycyclohexyl 2-amino-2-deoxy-alpha-D-glucopyranoside' 'C19 H38 N4 O10'
CL non-polymer 'CHLORIDE ION' 'Cl -1'
PMP non-polymer 4'-DEOXY-4'-AMINOPYRIDOXAL-5'-PHOSPHATE 'C8 H13 N2 O5 P'
#
# COMPACT_ATOMS: atom_id res chain seq x y z
N MET A 1 3.23 -12.98 -23.42
CA MET A 1 2.80 -14.02 -24.34
C MET A 1 2.50 -15.34 -23.61
N ILE A 2 3.54 -15.96 -23.05
CA ILE A 2 3.40 -17.26 -22.43
C ILE A 2 3.27 -17.18 -20.91
N ILE A 3 3.58 -16.03 -20.30
CA ILE A 3 3.33 -15.80 -18.88
C ILE A 3 1.86 -15.45 -18.69
N ALA A 4 1.14 -16.28 -17.95
CA ALA A 4 -0.28 -16.09 -17.76
C ALA A 4 -0.57 -14.89 -16.87
N ASN A 5 0.27 -14.62 -15.86
CA ASN A 5 -0.11 -13.60 -14.90
C ASN A 5 0.83 -12.39 -14.95
N ALA A 6 1.10 -11.88 -16.15
CA ALA A 6 1.86 -10.63 -16.28
C ALA A 6 1.03 -9.52 -16.90
N ASP A 7 -0.30 -9.61 -16.81
CA ASP A 7 -1.20 -8.62 -17.41
C ASP A 7 -1.13 -7.28 -16.70
N GLY A 8 -2.26 -6.83 -16.16
CA GLY A 8 -2.28 -5.66 -15.31
C GLY A 8 -1.75 -5.99 -13.92
N CYS A 9 -2.06 -5.10 -12.98
CA CYS A 9 -1.70 -5.24 -11.58
C CYS A 9 -0.20 -5.41 -11.35
N THR A 10 0.65 -5.12 -12.38
CA THR A 10 2.09 -5.02 -12.28
C THR A 10 2.50 -3.56 -12.25
N PRO A 11 3.56 -3.19 -11.54
CA PRO A 11 4.01 -1.79 -11.54
C PRO A 11 4.68 -1.41 -12.86
N TYR A 12 4.93 -0.10 -12.99
CA TYR A 12 5.65 0.48 -14.14
C TYR A 12 4.91 0.34 -15.46
N GLU A 13 3.58 0.21 -15.41
CA GLU A 13 2.81 0.11 -16.64
C GLU A 13 2.95 1.35 -17.52
N VAL A 14 3.16 2.53 -16.92
CA VAL A 14 3.32 3.74 -17.73
C VAL A 14 4.55 3.64 -18.62
N ALA A 15 5.53 2.82 -18.25
CA ALA A 15 6.80 2.72 -18.93
C ALA A 15 6.88 1.51 -19.86
N ARG A 16 5.75 0.88 -20.18
CA ARG A 16 5.77 -0.33 -21.00
C ARG A 16 6.25 -0.09 -22.43
N GLY A 17 6.37 1.18 -22.85
CA GLY A 17 6.99 1.53 -24.12
C GLY A 17 8.46 1.83 -24.05
N VAL A 18 9.08 1.72 -22.86
CA VAL A 18 10.50 1.96 -22.66
C VAL A 18 11.09 0.77 -21.90
N THR A 19 12.42 0.71 -21.83
CA THR A 19 13.12 -0.46 -21.27
C THR A 19 13.96 -0.05 -20.07
N ILE A 20 13.55 -0.48 -18.87
CA ILE A 20 14.26 -0.15 -17.63
C ILE A 20 15.28 -1.23 -17.32
N VAL A 21 16.53 -0.84 -17.09
CA VAL A 21 17.61 -1.80 -16.91
C VAL A 21 18.36 -1.65 -15.60
N ARG A 22 18.16 -0.55 -14.86
CA ARG A 22 18.96 -0.33 -13.67
C ARG A 22 18.16 0.53 -12.71
N GLY A 23 18.38 0.32 -11.41
CA GLY A 23 17.81 1.18 -10.38
C GLY A 23 18.86 1.58 -9.35
N GLU A 24 18.87 2.85 -8.95
CA GLU A 24 19.77 3.31 -7.90
C GLU A 24 19.16 4.50 -7.18
N GLY A 25 18.87 4.32 -5.90
CA GLY A 25 18.33 5.41 -5.09
C GLY A 25 16.93 5.77 -5.54
N ALA A 26 16.72 7.07 -5.81
CA ALA A 26 15.43 7.56 -6.27
C ALA A 26 15.21 7.38 -7.76
N TYR A 27 16.18 6.84 -8.50
CA TYR A 27 16.14 6.86 -9.95
C TYR A 27 16.14 5.44 -10.51
N VAL A 28 15.47 5.28 -11.65
CA VAL A 28 15.73 4.12 -12.50
C VAL A 28 16.25 4.64 -13.83
N TYR A 29 16.87 3.74 -14.60
CA TYR A 29 17.60 4.13 -15.80
C TYR A 29 17.17 3.25 -16.95
N ASP A 30 16.87 3.86 -18.10
CA ASP A 30 16.45 3.09 -19.25
C ASP A 30 17.67 2.66 -20.06
N ALA A 31 17.40 1.92 -21.14
CA ALA A 31 18.45 1.32 -21.94
C ALA A 31 19.34 2.35 -22.60
N GLU A 32 18.81 3.55 -22.84
CA GLU A 32 19.58 4.64 -23.44
CA GLU A 32 19.59 4.63 -23.44
C GLU A 32 20.30 5.48 -22.41
N GLY A 33 20.28 5.08 -21.13
CA GLY A 33 20.99 5.77 -20.07
C GLY A 33 20.25 6.93 -19.43
N ARG A 34 19.00 7.18 -19.82
CA ARG A 34 18.24 8.26 -19.22
C ARG A 34 17.79 7.91 -17.81
N GLY A 35 17.93 8.86 -16.89
CA GLY A 35 17.48 8.67 -15.52
C GLY A 35 16.06 9.19 -15.35
N LEU A 36 15.26 8.41 -14.63
CA LEU A 36 13.87 8.76 -14.34
C LEU A 36 13.67 8.73 -12.84
N ILE A 37 13.06 9.78 -12.29
CA ILE A 37 12.67 9.72 -10.88
C ILE A 37 11.52 8.75 -10.75
N ASP A 38 11.66 7.82 -9.81
CA ASP A 38 10.72 6.70 -9.66
C ASP A 38 9.79 7.00 -8.49
N LEU A 39 8.51 7.25 -8.78
CA LEU A 39 7.51 7.37 -7.72
C LEU A 39 6.62 6.13 -7.65
N SER A 40 6.97 5.08 -8.39
CA SER A 40 6.30 3.79 -8.20
C SER A 40 7.02 2.96 -7.13
N ASN A 41 8.33 2.79 -7.28
CA ASN A 41 9.16 2.04 -6.32
C ASN A 41 8.60 0.64 -6.08
N SER A 42 8.27 -0.03 -7.18
CA SER A 42 7.65 -1.36 -7.17
C SER A 42 6.38 -1.36 -6.32
N PHE A 43 5.46 -0.46 -6.67
CA PHE A 43 4.22 -0.23 -5.92
C PHE A 43 4.49 -0.05 -4.43
N GLY A 44 5.55 0.69 -4.10
CA GLY A 44 5.82 1.01 -2.71
C GLY A 44 6.57 -0.03 -1.92
N SER A 45 7.04 -1.10 -2.55
CA SER A 45 7.84 -2.08 -1.84
CA SER A 45 7.85 -2.08 -1.84
C SER A 45 9.24 -1.58 -1.54
N VAL A 46 9.75 -0.63 -2.32
CA VAL A 46 11.08 -0.09 -2.09
C VAL A 46 10.91 1.19 -1.27
N MET A 47 11.06 1.08 0.07
CA MET A 47 10.91 2.25 0.92
C MET A 47 12.22 2.99 1.16
N LEU A 48 13.35 2.35 0.90
CA LEU A 48 14.65 2.98 1.13
C LEU A 48 15.26 3.53 -0.13
N GLY A 49 14.91 2.97 -1.28
CA GLY A 49 15.54 3.32 -2.53
C GLY A 49 16.17 2.10 -3.14
N HIS A 50 16.32 2.11 -4.46
CA HIS A 50 16.92 0.96 -5.14
C HIS A 50 18.38 0.81 -4.74
N GLN A 51 18.80 -0.44 -4.58
CA GLN A 51 20.21 -0.72 -4.24
C GLN A 51 20.65 0.01 -2.99
N ASP A 52 19.80 0.05 -1.95
CA ASP A 52 20.24 0.67 -0.71
C ASP A 52 21.54 0.00 -0.26
N PRO A 53 22.58 0.76 0.05
CA PRO A 53 23.89 0.13 0.22
C PRO A 53 23.96 -0.78 1.43
N VAL A 54 23.22 -0.46 2.49
CA VAL A 54 23.24 -1.28 3.69
C VAL A 54 22.43 -2.56 3.48
N VAL A 55 21.25 -2.44 2.88
CA VAL A 55 20.47 -3.64 2.58
C VAL A 55 21.24 -4.53 1.61
N THR A 56 21.85 -3.94 0.58
CA THR A 56 22.56 -4.73 -0.42
C THR A 56 23.75 -5.44 0.19
N GLU A 57 24.52 -4.76 1.03
CA GLU A 57 25.65 -5.43 1.66
CA GLU A 57 25.65 -5.41 1.69
C GLU A 57 25.19 -6.57 2.56
N ALA A 58 24.07 -6.40 3.27
CA ALA A 58 23.54 -7.48 4.10
C ALA A 58 23.13 -8.65 3.25
N VAL A 59 22.46 -8.39 2.14
CA VAL A 59 22.00 -9.48 1.28
C VAL A 59 23.19 -10.18 0.64
N LEU A 60 24.15 -9.40 0.13
CA LEU A 60 25.29 -9.99 -0.56
C LEU A 60 26.08 -10.90 0.36
N LYS A 61 26.27 -10.49 1.62
CA LYS A 61 27.04 -11.29 2.55
C LYS A 61 26.29 -12.58 2.89
N THR A 62 24.97 -12.51 2.96
CA THR A 62 24.18 -13.71 3.22
C THR A 62 24.22 -14.65 2.03
N VAL A 63 24.12 -14.13 0.80
CA VAL A 63 24.19 -14.98 -0.38
C VAL A 63 25.55 -15.65 -0.47
N ARG A 64 26.62 -14.88 -0.21
CA ARG A 64 27.98 -15.40 -0.29
CA ARG A 64 27.96 -15.46 -0.33
C ARG A 64 28.28 -16.43 0.79
N SER A 65 27.54 -16.42 1.90
CA SER A 65 27.73 -17.43 2.93
C SER A 65 27.12 -18.78 2.53
N GLY A 66 26.18 -18.77 1.61
CA GLY A 66 25.48 -19.98 1.22
C GLY A 66 24.64 -20.62 2.30
N VAL A 67 24.39 -19.93 3.41
CA VAL A 67 23.68 -20.58 4.53
C VAL A 67 22.28 -20.99 4.07
N PRO A 68 21.86 -22.23 4.29
CA PRO A 68 20.58 -22.70 3.73
C PRO A 68 19.40 -22.24 4.57
N ALA A 69 18.21 -22.49 4.04
CA ALA A 69 17.00 -21.99 4.70
C ALA A 69 16.81 -22.64 6.08
N ALA A 70 16.37 -21.82 7.03
CA ALA A 70 15.98 -22.26 8.37
C ALA A 70 17.19 -22.72 9.20
N ALA A 71 18.32 -22.02 9.05
CA ALA A 71 19.48 -22.21 9.90
C ALA A 71 19.86 -20.97 10.68
N SER A 72 19.46 -19.78 10.23
CA SER A 72 19.78 -18.53 10.93
C SER A 72 18.65 -18.13 11.86
N LEU A 73 18.27 -19.03 12.76
CA LEU A 73 17.15 -18.75 13.64
C LEU A 73 17.40 -17.52 14.51
N ASP A 74 18.66 -17.16 14.74
CA ASP A 74 18.99 -15.94 15.46
C ASP A 74 18.50 -14.71 14.71
N LEU A 75 18.80 -14.63 13.41
CA LEU A 75 18.35 -13.51 12.59
C LEU A 75 16.84 -13.51 12.45
N GLN A 76 16.24 -14.70 12.23
CA GLN A 76 14.79 -14.78 12.11
C GLN A 76 14.12 -14.30 13.39
N ASN A 77 14.61 -14.75 14.54
CA ASN A 77 14.02 -14.33 15.81
C ASN A 77 14.21 -12.84 16.03
N HIS A 78 15.38 -12.31 15.66
CA HIS A 78 15.67 -10.89 15.84
C HIS A 78 14.68 -10.06 15.05
N LEU A 79 14.38 -10.48 13.81
CA LEU A 79 13.42 -9.74 12.99
C LEU A 79 12.03 -9.76 13.62
N ALA A 80 11.62 -10.91 14.16
CA ALA A 80 10.33 -11.00 14.82
C ALA A 80 10.28 -10.06 16.02
N GLU A 81 11.36 -9.99 16.79
CA GLU A 81 11.41 -9.03 17.91
C GLU A 81 11.31 -7.58 17.43
N GLN A 82 11.98 -7.25 16.33
CA GLN A 82 11.89 -5.90 15.79
C GLN A 82 10.45 -5.54 15.49
N ILE A 83 9.75 -6.44 14.80
CA ILE A 83 8.37 -6.18 14.40
C ILE A 83 7.46 -6.14 15.63
N ALA A 84 7.58 -7.12 16.51
CA ALA A 84 6.68 -7.14 17.65
C ALA A 84 6.91 -5.94 18.56
N GLY A 85 8.15 -5.45 18.66
CA GLY A 85 8.43 -4.35 19.57
C GLY A 85 7.85 -3.03 19.13
N ASP A 86 7.48 -2.91 17.87
CA ASP A 86 6.86 -1.68 17.38
C ASP A 86 5.33 -1.70 17.51
N LEU A 87 4.75 -2.80 18.04
CA LEU A 87 3.31 -2.85 18.22
C LEU A 87 2.96 -2.83 19.69
N PRO A 88 1.87 -2.19 20.08
CA PRO A 88 1.51 -2.18 21.50
C PRO A 88 0.97 -3.54 21.91
N GLY A 89 1.46 -4.03 23.03
CA GLY A 89 1.01 -5.32 23.51
C GLY A 89 2.04 -6.39 23.23
N ASP A 90 1.61 -7.63 23.42
CA ASP A 90 2.50 -8.79 23.35
C ASP A 90 2.13 -9.55 22.08
N GLN A 91 3.00 -9.49 21.07
CA GLN A 91 2.74 -10.16 19.81
C GLN A 91 3.73 -11.29 19.56
N ARG A 92 3.25 -12.30 18.84
CA ARG A 92 4.06 -13.27 18.13
C ARG A 92 3.97 -12.94 16.64
N VAL A 93 4.91 -13.48 15.85
CA VAL A 93 5.02 -13.13 14.44
C VAL A 93 5.15 -14.41 13.63
N ALA A 94 4.32 -14.54 12.59
CA ALA A 94 4.42 -15.63 11.62
C ALA A 94 4.81 -15.06 10.26
N PHE A 95 5.81 -15.65 9.62
CA PHE A 95 6.35 -15.07 8.40
C PHE A 95 5.82 -15.79 7.16
N PHE A 96 5.62 -15.00 6.08
CA PHE A 96 5.14 -15.49 4.79
C PHE A 96 5.95 -14.79 3.70
N LYS A 97 5.64 -15.07 2.45
CA LYS A 97 6.43 -14.52 1.36
C LYS A 97 5.74 -13.43 0.58
N THR A 98 4.41 -13.31 0.65
CA THR A 98 3.67 -12.26 -0.04
C THR A 98 2.63 -11.69 0.91
N GLY A 99 2.12 -10.50 0.56
CA GLY A 99 1.05 -9.90 1.37
C GLY A 99 -0.24 -10.72 1.31
N THR A 100 -0.54 -11.29 0.15
CA THR A 100 -1.71 -12.16 0.01
C THR A 100 -1.61 -13.36 0.94
N ALA A 101 -0.44 -13.97 1.04
CA ALA A 101 -0.32 -15.11 1.93
C ALA A 101 -0.53 -14.71 3.38
N ALA A 102 -0.07 -13.52 3.76
CA ALA A 102 -0.22 -13.07 5.14
C ALA A 102 -1.67 -12.75 5.46
N THR A 103 -2.40 -12.13 4.55
CA THR A 103 -3.77 -11.78 4.86
C THR A 103 -4.65 -13.04 4.86
N ARG A 104 -4.43 -13.97 3.92
CA ARG A 104 -5.16 -15.24 4.00
C ARG A 104 -4.83 -15.98 5.28
N ALA A 105 -3.56 -15.95 5.70
CA ALA A 105 -3.19 -16.62 6.95
C ALA A 105 -3.87 -15.99 8.15
N ALA A 106 -3.91 -14.65 8.20
CA ALA A 106 -4.60 -14.00 9.30
C ALA A 106 -6.08 -14.37 9.33
N ALA A 107 -6.73 -14.39 8.16
CA ALA A 107 -8.13 -14.78 8.10
C ALA A 107 -8.31 -16.22 8.55
N SER A 108 -7.38 -17.09 8.15
CA SER A 108 -7.46 -18.51 8.53
C SER A 108 -7.31 -18.69 10.02
N ALA A 109 -6.41 -17.93 10.64
CA ALA A 109 -6.25 -18.00 12.09
C ALA A 109 -7.52 -17.58 12.80
N ALA A 110 -8.16 -16.50 12.33
CA ALA A 110 -9.43 -16.07 12.93
C ALA A 110 -10.49 -17.15 12.82
N ARG A 111 -10.60 -17.77 11.64
CA ARG A 111 -11.53 -18.88 11.45
C ARG A 111 -11.21 -20.03 12.41
N GLN A 112 -9.92 -20.35 12.59
CA GLN A 112 -9.59 -21.48 13.46
C GLN A 112 -9.96 -21.19 14.91
N VAL A 113 -9.68 -19.98 15.38
CA VAL A 113 -9.92 -19.64 16.77
C VAL A 113 -11.40 -19.54 17.06
N THR A 114 -12.15 -18.88 16.18
CA THR A 114 -13.57 -18.63 16.44
C THR A 114 -14.47 -19.79 16.05
N GLY A 115 -14.00 -20.68 15.19
CA GLY A 115 -14.88 -21.69 14.62
C GLY A 115 -15.95 -21.16 13.69
N LYS A 116 -15.82 -19.92 13.25
CA LYS A 116 -16.75 -19.29 12.32
C LYS A 116 -16.06 -19.13 10.98
N ARG A 117 -16.84 -18.82 9.95
CA ARG A 117 -16.30 -18.79 8.59
C ARG A 117 -16.41 -17.44 7.92
N LEU A 118 -17.56 -16.78 8.03
CA LEU A 118 -17.77 -15.51 7.34
C LEU A 118 -16.75 -14.46 7.76
N ILE A 119 -16.26 -13.71 6.79
CA ILE A 119 -15.31 -12.61 6.99
C ILE A 119 -15.88 -11.36 6.35
N ALA A 120 -15.78 -10.21 7.02
CA ALA A 120 -16.11 -8.95 6.40
C ALA A 120 -14.82 -8.18 6.11
N SER A 121 -14.85 -7.38 5.05
CA SER A 121 -13.61 -6.79 4.54
C SER A 121 -13.82 -5.38 4.05
N CYS A 122 -12.83 -4.51 4.27
CA CYS A 122 -12.72 -3.21 3.60
C CYS A 122 -11.35 -3.18 2.95
N GLY A 123 -11.30 -2.91 1.64
CA GLY A 123 -10.04 -2.72 0.96
C GLY A 123 -9.58 -3.97 0.21
N TYR A 124 -8.42 -3.84 -0.41
CA TYR A 124 -7.82 -4.88 -1.22
C TYR A 124 -6.83 -5.66 -0.37
N HIS A 125 -7.00 -6.98 -0.28
CA HIS A 125 -6.11 -7.77 0.58
C HIS A 125 -5.27 -8.77 -0.19
N GLY A 126 -5.30 -8.73 -1.51
CA GLY A 126 -4.43 -9.57 -2.32
C GLY A 126 -5.21 -10.29 -3.39
N TYR A 127 -4.51 -11.17 -4.12
CA TYR A 127 -5.05 -11.73 -5.36
C TYR A 127 -5.89 -12.98 -5.15
N ASP A 128 -5.84 -13.60 -3.97
CA ASP A 128 -6.53 -14.85 -3.71
C ASP A 128 -8.02 -14.69 -3.99
N LEU A 129 -8.66 -15.80 -4.41
CA LEU A 129 -10.09 -15.73 -4.67
C LEU A 129 -10.86 -15.29 -3.43
N MET A 130 -10.32 -15.52 -2.23
CA MET A 130 -11.08 -15.10 -1.05
C MET A 130 -11.18 -13.59 -0.98
N TRP A 131 -10.32 -12.86 -1.68
CA TRP A 131 -10.38 -11.41 -1.61
C TRP A 131 -11.04 -10.79 -2.84
N GLU A 132 -11.63 -11.61 -3.70
CA GLU A 132 -12.34 -11.11 -4.87
C GLU A 132 -13.54 -10.26 -4.47
N PHE A 133 -13.62 -9.03 -4.98
CA PHE A 133 -14.69 -8.14 -4.60
C PHE A 133 -16.01 -8.59 -5.22
N THR A 134 -17.07 -8.55 -4.43
CA THR A 134 -18.45 -8.78 -4.87
C THR A 134 -19.28 -7.62 -4.35
N PRO A 135 -20.48 -7.40 -4.90
CA PRO A 135 -21.28 -6.25 -4.46
C PRO A 135 -21.63 -6.34 -2.98
N PRO A 136 -21.94 -5.21 -2.35
CA PRO A 136 -22.32 -5.23 -0.94
C PRO A 136 -23.46 -6.22 -0.70
N GLY A 137 -23.35 -6.95 0.41
CA GLY A 137 -24.36 -7.92 0.79
C GLY A 137 -24.25 -9.26 0.09
N GLN A 138 -23.32 -9.43 -0.82
CA GLN A 138 -23.17 -10.67 -1.57
C GLN A 138 -21.86 -11.34 -1.18
N PRO A 139 -21.89 -12.44 -0.43
CA PRO A 139 -20.63 -13.13 -0.10
C PRO A 139 -19.98 -13.69 -1.35
N ASN A 140 -18.65 -13.61 -1.41
CA ASN A 140 -17.97 -14.19 -2.55
C ASN A 140 -17.80 -15.70 -2.35
N SER A 141 -17.07 -16.34 -3.26
CA SER A 141 -17.00 -17.79 -3.27
C SER A 141 -16.31 -18.37 -2.05
N GLU A 142 -15.59 -17.54 -1.29
CA GLU A 142 -14.93 -17.98 -0.07
C GLU A 142 -15.54 -17.37 1.18
N ASP A 143 -16.79 -16.90 1.08
CA ASP A 143 -17.56 -16.40 2.24
C ASP A 143 -16.94 -15.15 2.84
N VAL A 144 -16.55 -14.23 1.95
CA VAL A 144 -16.11 -12.90 2.35
C VAL A 144 -17.11 -11.88 1.84
N LEU A 145 -17.54 -10.97 2.73
CA LEU A 145 -18.40 -9.85 2.39
C LEU A 145 -17.58 -8.57 2.33
N HIS A 146 -17.90 -7.71 1.38
CA HIS A 146 -17.15 -6.48 1.14
C HIS A 146 -17.98 -5.27 1.51
N CYS A 147 -17.39 -4.34 2.28
CA CYS A 147 -18.13 -3.20 2.82
C CYS A 147 -17.63 -1.85 2.33
N TYR A 148 -16.56 -1.81 1.53
CA TYR A 148 -16.18 -0.63 0.74
C TYR A 148 -15.90 0.59 1.60
N HIS A 149 -15.40 0.36 2.82
CA HIS A 149 -15.02 1.37 3.79
C HIS A 149 -16.18 2.24 4.26
N LEU A 150 -17.42 1.85 4.01
CA LEU A 150 -18.57 2.65 4.42
C LEU A 150 -19.07 2.19 5.77
N PRO A 151 -19.16 3.06 6.77
CA PRO A 151 -19.66 2.63 8.07
C PRO A 151 -21.09 2.11 8.02
N GLU A 152 -21.90 2.62 7.08
CA GLU A 152 -23.26 2.09 6.96
C GLU A 152 -23.26 0.65 6.47
N LEU A 153 -22.33 0.28 5.57
CA LEU A 153 -22.31 -1.11 5.12
C LEU A 153 -21.68 -2.02 6.16
N ILE A 154 -20.67 -1.55 6.89
CA ILE A 154 -20.19 -2.29 8.05
C ILE A 154 -21.33 -2.55 9.03
N ASP A 155 -22.10 -1.51 9.33
CA ASP A 155 -23.21 -1.66 10.25
C ASP A 155 -24.20 -2.70 9.76
N GLN A 156 -24.46 -2.72 8.46
CA GLN A 156 -25.41 -3.68 7.91
C GLN A 156 -24.89 -5.10 8.10
N VAL A 157 -23.61 -5.34 7.81
CA VAL A 157 -23.08 -6.69 7.96
C VAL A 157 -23.05 -7.09 9.43
N LEU A 158 -22.67 -6.16 10.32
CA LEU A 158 -22.68 -6.47 11.74
C LEU A 158 -24.10 -6.74 12.23
N ASP A 159 -25.08 -5.94 11.78
CA ASP A 159 -26.47 -6.16 12.20
C ASP A 159 -26.94 -7.56 11.81
N LYS A 160 -26.58 -8.02 10.62
CA LYS A 160 -27.05 -9.29 10.13
C LYS A 160 -26.17 -10.46 10.55
N HIS A 161 -24.87 -10.23 10.75
CA HIS A 161 -23.92 -11.32 10.87
C HIS A 161 -22.94 -11.23 12.03
N ALA A 162 -23.00 -10.19 12.89
CA ALA A 162 -21.99 -10.04 13.94
C ALA A 162 -21.74 -11.35 14.68
N HIS A 163 -22.81 -12.12 14.94
CA HIS A 163 -22.69 -13.33 15.74
C HIS A 163 -21.94 -14.44 15.02
N GLU A 164 -21.77 -14.35 13.70
CA GLU A 164 -21.16 -15.43 12.93
C GLU A 164 -19.96 -14.97 12.12
N LEU A 165 -19.45 -13.77 12.36
CA LEU A 165 -18.25 -13.31 11.67
C LEU A 165 -17.03 -13.86 12.38
N ALA A 166 -16.12 -14.45 11.61
CA ALA A 166 -14.83 -14.83 12.16
C ALA A 166 -13.96 -13.61 12.41
N ALA A 167 -14.06 -12.61 11.54
CA ALA A 167 -13.21 -11.42 11.64
C ALA A 167 -13.64 -10.38 10.63
N VAL A 168 -13.22 -9.14 10.89
CA VAL A 168 -13.26 -8.07 9.90
CA VAL A 168 -13.27 -8.06 9.91
C VAL A 168 -11.82 -7.71 9.58
N ILE A 169 -11.52 -7.56 8.30
CA ILE A 169 -10.18 -7.16 7.88
C ILE A 169 -10.29 -5.83 7.15
N ILE A 170 -9.50 -4.86 7.59
CA ILE A 170 -9.59 -3.49 7.10
C ILE A 170 -8.21 -3.04 6.66
N ALA A 171 -8.11 -2.65 5.39
CA ALA A 171 -6.92 -1.97 4.87
C ALA A 171 -7.09 -0.48 5.10
N PRO A 172 -6.31 0.14 5.97
CA PRO A 172 -6.51 1.56 6.25
C PRO A 172 -6.03 2.40 5.08
N ASP A 173 -6.54 3.62 5.03
CA ASP A 173 -6.05 4.58 4.05
C ASP A 173 -6.44 5.95 4.54
N TYR A 174 -5.61 6.95 4.20
CA TYR A 174 -5.75 8.25 4.83
C TYR A 174 -5.65 9.40 3.84
N ILE A 175 -5.70 9.12 2.54
CA ILE A 175 -5.64 10.19 1.56
C ILE A 175 -6.98 10.88 1.45
N HIS A 176 -8.05 10.09 1.37
CA HIS A 176 -9.38 10.63 1.14
C HIS A 176 -10.28 10.57 2.35
N VAL A 177 -9.86 9.91 3.44
CA VAL A 177 -10.59 9.87 4.69
C VAL A 177 -9.62 10.14 5.82
N SER A 178 -10.16 10.46 6.97
CA SER A 178 -9.33 10.84 8.11
C SER A 178 -8.94 9.62 8.93
N PRO A 179 -7.89 9.73 9.75
CA PRO A 179 -7.62 8.64 10.70
C PRO A 179 -8.80 8.33 11.59
N GLU A 180 -9.60 9.35 11.93
CA GLU A 180 -10.74 9.15 12.81
C GLU A 180 -11.83 8.32 12.12
N TYR A 181 -12.00 8.56 10.81
CA TYR A 181 -12.92 7.75 10.01
C TYR A 181 -12.50 6.28 10.02
N ILE A 182 -11.21 6.02 9.85
CA ILE A 182 -10.70 4.64 9.82
C ILE A 182 -10.87 4.01 11.20
N ALA A 183 -10.50 4.74 12.25
CA ALA A 183 -10.65 4.25 13.61
C ALA A 183 -12.10 3.86 13.88
N ASP A 184 -13.06 4.64 13.36
CA ASP A 184 -14.47 4.35 13.57
C ASP A 184 -14.86 3.01 12.96
N LEU A 185 -14.24 2.63 11.83
CA LEU A 185 -14.57 1.34 11.24
C LEU A 185 -14.14 0.20 12.16
N PHE A 186 -12.93 0.26 12.70
CA PHE A 186 -12.47 -0.75 13.66
C PHE A 186 -13.34 -0.77 14.91
N GLU A 187 -13.64 0.40 15.47
CA GLU A 187 -14.36 0.44 16.74
C GLU A 187 -15.78 -0.11 16.62
N ARG A 188 -16.45 0.08 15.47
CA ARG A 188 -17.77 -0.55 15.30
C ARG A 188 -17.70 -2.06 15.47
N CYS A 189 -16.63 -2.66 14.95
CA CYS A 189 -16.46 -4.11 15.03
C CYS A 189 -16.04 -4.54 16.42
N GLU A 190 -15.15 -3.78 17.06
CA GLU A 190 -14.74 -4.10 18.42
C GLU A 190 -15.92 -4.07 19.37
N ARG A 191 -16.84 -3.13 19.17
CA ARG A 191 -17.94 -2.97 20.12
C ARG A 191 -18.86 -4.17 20.14
N VAL A 192 -18.94 -4.92 19.04
CA VAL A 192 -19.78 -6.11 19.00
C VAL A 192 -18.97 -7.39 19.14
N GLY A 193 -17.69 -7.28 19.51
CA GLY A 193 -16.89 -8.42 19.87
C GLY A 193 -16.27 -9.19 18.73
N VAL A 194 -16.09 -8.57 17.57
CA VAL A 194 -15.61 -9.26 16.37
C VAL A 194 -14.10 -9.04 16.24
N VAL A 195 -13.39 -10.11 15.90
CA VAL A 195 -11.94 -10.04 15.73
C VAL A 195 -11.58 -9.06 14.62
N THR A 196 -10.52 -8.28 14.82
CA THR A 196 -10.11 -7.27 13.85
C THR A 196 -8.72 -7.59 13.33
N ILE A 197 -8.55 -7.43 12.02
CA ILE A 197 -7.25 -7.56 11.36
C ILE A 197 -6.96 -6.24 10.68
N ALA A 198 -5.86 -5.60 11.06
CA ALA A 198 -5.44 -4.38 10.38
C ALA A 198 -4.51 -4.79 9.26
N ASP A 199 -4.94 -4.61 8.01
CA ASP A 199 -4.11 -4.98 6.87
C ASP A 199 -3.18 -3.83 6.56
N GLU A 200 -1.95 -3.91 7.07
CA GLU A 200 -0.94 -2.86 6.94
C GLU A 200 0.06 -3.18 5.84
N VAL A 201 -0.31 -4.03 4.90
CA VAL A 201 0.62 -4.42 3.84
C VAL A 201 1.09 -3.19 3.08
N LYS A 202 0.19 -2.22 2.86
CA LYS A 202 0.58 -1.03 2.10
C LYS A 202 1.24 0.01 3.00
N HIS A 203 0.65 0.29 4.16
CA HIS A 203 1.08 1.45 4.93
C HIS A 203 1.99 1.12 6.11
N GLY A 204 2.11 -0.15 6.47
CA GLY A 204 3.00 -0.50 7.57
C GLY A 204 4.45 -0.12 7.28
N TYR A 205 5.06 0.61 8.21
CA TYR A 205 6.40 1.16 8.11
C TYR A 205 6.55 2.23 7.03
N ARG A 206 5.46 2.67 6.40
CA ARG A 206 5.50 3.74 5.41
C ARG A 206 5.20 5.08 6.04
N LEU A 207 4.14 5.15 6.85
CA LEU A 207 3.71 6.38 7.46
C LEU A 207 4.33 6.62 8.83
N ARG A 208 4.75 5.56 9.51
CA ARG A 208 5.46 5.65 10.78
C ARG A 208 6.20 4.33 10.96
N GLN A 209 7.03 4.26 12.02
CA GLN A 209 7.84 3.06 12.26
C GLN A 209 6.98 2.01 12.98
N GLY A 210 6.11 1.38 12.21
CA GLY A 210 5.15 0.44 12.76
C GLY A 210 3.85 0.52 11.97
N ALA A 211 2.75 0.14 12.62
CA ALA A 211 1.46 0.11 11.94
C ALA A 211 0.86 1.52 11.87
N SER A 212 0.29 1.87 10.73
CA SER A 212 -0.32 3.20 10.61
C SER A 212 -1.47 3.36 11.60
N VAL A 213 -2.26 2.29 11.81
CA VAL A 213 -3.45 2.46 12.64
C VAL A 213 -3.09 2.76 14.07
N THR A 214 -1.88 2.43 14.52
CA THR A 214 -1.51 2.74 15.90
C THR A 214 -1.62 4.25 16.16
N GLU A 215 -1.23 5.06 15.19
CA GLU A 215 -1.31 6.52 15.35
C GLU A 215 -2.73 7.04 15.20
N ALA A 216 -3.64 6.24 14.66
CA ALA A 216 -5.06 6.53 14.64
C ALA A 216 -5.76 6.11 15.94
N SER A 217 -4.99 5.72 16.96
CA SER A 217 -5.51 5.28 18.25
C SER A 217 -6.29 3.97 18.14
N VAL A 218 -5.90 3.12 17.21
CA VAL A 218 -6.49 1.81 17.00
C VAL A 218 -5.52 0.76 17.48
N VAL A 219 -6.04 -0.29 18.10
CA VAL A 219 -5.29 -1.53 18.29
C VAL A 219 -6.10 -2.64 17.64
N ALA A 220 -5.42 -3.59 17.03
CA ALA A 220 -6.08 -4.68 16.34
C ALA A 220 -5.59 -6.02 16.88
N ASP A 221 -6.39 -7.07 16.65
CA ASP A 221 -5.98 -8.38 17.13
C ASP A 221 -4.81 -8.93 16.32
N MET A 222 -4.74 -8.58 15.04
CA MET A 222 -3.69 -9.07 14.17
C MET A 222 -3.37 -7.96 13.18
N TYR A 223 -2.11 -7.89 12.76
CA TYR A 223 -1.61 -6.92 11.79
C TYR A 223 -0.88 -7.68 10.71
N THR A 224 -1.02 -7.26 9.45
CA THR A 224 -0.26 -7.87 8.37
C THR A 224 0.65 -6.83 7.73
N TYR A 225 1.91 -7.21 7.49
CA TYR A 225 2.87 -6.32 6.83
C TYR A 225 3.45 -6.99 5.60
N ALA A 226 3.88 -6.15 4.62
CA ALA A 226 4.70 -6.68 3.53
C ALA A 226 5.54 -5.60 2.84
N LYS A 227 4.91 -4.60 2.21
CA LYS A 227 5.66 -3.65 1.38
CA LYS A 227 5.66 -3.65 1.38
C LYS A 227 6.73 -2.90 2.17
N GLY A 228 6.39 -2.45 3.38
CA GLY A 228 7.29 -1.56 4.10
C GLY A 228 8.52 -2.21 4.69
N ILE A 229 8.55 -3.53 4.85
CA ILE A 229 9.51 -4.12 5.76
C ILE A 229 10.76 -4.68 5.09
N SER A 230 10.82 -4.77 3.75
CA SER A 230 11.90 -5.54 3.15
C SER A 230 12.53 -4.93 1.91
N ASN A 231 12.22 -3.68 1.56
CA ASN A 231 12.86 -2.99 0.43
C ASN A 231 12.88 -3.80 -0.87
N GLY A 232 11.77 -4.47 -1.17
CA GLY A 232 11.66 -5.16 -2.44
C GLY A 232 12.00 -6.63 -2.40
N TRP A 233 12.22 -7.19 -1.23
CA TRP A 233 12.50 -8.60 -1.04
C TRP A 233 11.23 -9.30 -0.56
N PRO A 234 11.00 -10.55 -0.98
CA PRO A 234 9.68 -11.16 -0.72
C PRO A 234 9.55 -11.69 0.70
N LEU A 235 9.07 -10.83 1.59
CA LEU A 235 8.82 -11.24 2.96
C LEU A 235 7.63 -10.46 3.50
N SER A 236 6.78 -11.15 4.23
CA SER A 236 5.59 -10.57 4.81
C SER A 236 5.40 -11.21 6.17
N CYS A 237 4.40 -10.72 6.93
CA CYS A 237 4.15 -11.38 8.20
C CYS A 237 2.76 -11.07 8.70
N VAL A 238 2.31 -11.93 9.63
CA VAL A 238 1.18 -11.66 10.51
C VAL A 238 1.77 -11.45 11.89
N ALA A 239 1.43 -10.33 12.53
CA ALA A 239 1.85 -10.07 13.91
C ALA A 239 0.60 -9.91 14.76
N GLY A 240 0.54 -10.59 15.90
CA GLY A 240 -0.69 -10.50 16.65
C GLY A 240 -0.64 -11.29 17.94
N ASP A 241 -1.76 -11.26 18.64
CA ASP A 241 -1.85 -11.85 19.96
C ASP A 241 -1.66 -13.37 19.89
N GLU A 242 -1.03 -13.92 20.93
CA GLU A 242 -0.65 -15.33 20.97
C GLU A 242 -1.80 -16.25 20.62
N ARG A 243 -3.00 -15.93 21.10
CA ARG A 243 -4.16 -16.77 20.84
CA ARG A 243 -4.16 -16.77 20.84
C ARG A 243 -4.44 -16.94 19.35
N PHE A 244 -4.17 -15.89 18.56
CA PHE A 244 -4.38 -15.97 17.12
C PHE A 244 -3.17 -16.49 16.35
N LEU A 245 -1.98 -16.38 16.92
CA LEU A 245 -0.80 -16.82 16.19
C LEU A 245 -0.49 -18.28 16.45
N LYS A 246 -0.96 -18.86 17.55
CA LYS A 246 -0.77 -20.30 17.79
C LYS A 246 -1.35 -21.17 16.66
N PRO A 247 -2.53 -20.90 16.10
CA PRO A 247 -3.01 -21.70 14.98
C PRO A 247 -2.14 -21.62 13.73
N LEU A 248 -1.20 -20.68 13.66
CA LEU A 248 -0.35 -20.56 12.48
C LEU A 248 0.98 -21.29 12.65
N ALA A 249 1.10 -22.15 13.67
CA ALA A 249 2.39 -22.76 13.97
C ALA A 249 2.93 -23.59 12.80
N GLU A 250 2.05 -24.28 12.08
CA GLU A 250 2.47 -25.13 10.97
C GLU A 250 2.32 -24.46 9.61
N PHE A 251 2.07 -23.15 9.56
CA PHE A 251 1.90 -22.44 8.28
C PHE A 251 3.29 -22.09 7.75
N VAL A 252 3.99 -23.11 7.27
CA VAL A 252 5.38 -22.95 6.85
CA VAL A 252 5.40 -23.00 6.87
C VAL A 252 5.56 -23.56 5.47
N SER A 253 6.37 -22.87 4.66
CA SER A 253 6.79 -23.34 3.34
C SER A 253 8.26 -23.72 3.42
N THR A 254 8.70 -24.49 2.42
CA THR A 254 10.10 -24.91 2.36
C THR A 254 11.05 -23.72 2.53
N LEU A 255 10.74 -22.61 1.88
CA LEU A 255 11.63 -21.46 1.89
C LEU A 255 11.06 -20.28 2.70
N THR A 256 10.19 -20.56 3.67
CA THR A 256 9.71 -19.49 4.55
C THR A 256 10.89 -18.75 5.17
N PHE A 257 11.94 -19.48 5.52
CA PHE A 257 13.07 -18.91 6.25
C PHE A 257 14.34 -18.89 5.40
N GLU A 258 14.20 -18.70 4.08
CA GLU A 258 15.38 -18.41 3.26
C GLU A 258 16.03 -17.14 3.79
N ALA A 259 17.36 -17.16 3.85
CA ALA A 259 18.05 -16.15 4.65
C ALA A 259 18.16 -14.77 3.98
N PRO A 260 18.38 -14.66 2.67
CA PRO A 260 18.56 -13.31 2.09
C PRO A 260 17.41 -12.37 2.35
N SER A 261 16.16 -12.83 2.28
CA SER A 261 15.06 -11.90 2.54
C SER A 261 15.01 -11.47 4.00
N PHE A 262 15.37 -12.35 4.94
CA PHE A 262 15.44 -11.95 6.35
C PHE A 262 16.56 -10.96 6.59
N ALA A 263 17.71 -11.15 5.92
CA ALA A 263 18.79 -10.17 6.03
C ALA A 263 18.35 -8.81 5.48
N ALA A 264 17.66 -8.81 4.34
CA ALA A 264 17.15 -7.57 3.77
C ALA A 264 16.16 -6.89 4.71
N ALA A 265 15.23 -7.66 5.29
CA ALA A 265 14.19 -7.05 6.09
C ALA A 265 14.74 -6.49 7.39
N SER A 266 15.62 -7.23 8.07
CA SER A 266 16.15 -6.73 9.33
C SER A 266 16.97 -5.46 9.09
N ALA A 267 17.76 -5.45 8.02
CA ALA A 267 18.50 -4.25 7.64
C ALA A 267 17.55 -3.11 7.27
N THR A 268 16.47 -3.40 6.55
CA THR A 268 15.53 -2.36 6.16
C THR A 268 14.93 -1.69 7.40
N LEU A 269 14.45 -2.48 8.36
CA LEU A 269 13.84 -1.85 9.54
C LEU A 269 14.85 -0.98 10.27
N ASP A 270 16.10 -1.45 10.36
CA ASP A 270 17.12 -0.67 11.06
C ASP A 270 17.40 0.64 10.32
N ARG A 271 17.48 0.58 8.99
CA ARG A 271 17.76 1.76 8.17
C ARG A 271 16.61 2.76 8.21
N LEU A 272 15.36 2.26 8.15
CA LEU A 272 14.21 3.16 8.30
C LEU A 272 14.31 3.96 9.59
N ALA A 273 14.71 3.32 10.68
CA ALA A 273 14.85 4.02 11.96
C ALA A 273 16.04 4.96 11.95
N GLU A 274 17.18 4.51 11.43
CA GLU A 274 18.40 5.32 11.46
C GLU A 274 18.26 6.58 10.64
N LEU A 275 17.60 6.49 9.49
CA LEU A 275 17.44 7.63 8.60
C LEU A 275 16.14 8.41 8.83
N ASP A 276 15.42 8.12 9.93
CA ASP A 276 14.19 8.85 10.25
C ASP A 276 13.24 8.91 9.07
N VAL A 277 13.07 7.79 8.37
CA VAL A 277 12.54 7.83 7.02
C VAL A 277 11.12 8.35 6.98
N GLN A 278 10.24 7.83 7.84
CA GLN A 278 8.83 8.19 7.69
C GLN A 278 8.58 9.65 8.07
N ALA A 279 9.26 10.14 9.12
CA ALA A 279 9.12 11.53 9.49
C ALA A 279 9.68 12.46 8.42
N GLN A 280 10.83 12.08 7.83
CA GLN A 280 11.41 12.93 6.79
CA GLN A 280 11.41 12.92 6.78
C GLN A 280 10.54 12.91 5.53
N LEU A 281 9.94 11.75 5.22
CA LEU A 281 9.02 11.69 4.08
C LEU A 281 7.81 12.58 4.30
N ALA A 282 7.29 12.61 5.52
CA ALA A 282 6.18 13.50 5.84
C ALA A 282 6.52 14.94 5.48
N ILE A 283 7.77 15.34 5.74
CA ILE A 283 8.20 16.70 5.41
C ILE A 283 8.43 16.86 3.91
N ASP A 284 9.20 15.97 3.31
CA ASP A 284 9.58 16.15 1.90
C ASP A 284 8.39 15.91 0.97
N GLY A 285 7.55 14.92 1.28
CA GLY A 285 6.35 14.73 0.49
C GLY A 285 5.40 15.90 0.58
N ALA A 286 5.31 16.52 1.76
CA ALA A 286 4.41 17.67 1.91
C ALA A 286 4.90 18.84 1.07
N ARG A 287 6.22 19.03 0.99
CA ARG A 287 6.75 20.08 0.14
C ARG A 287 6.45 19.80 -1.32
N PHE A 288 6.67 18.56 -1.76
CA PHE A 288 6.38 18.20 -3.14
C PHE A 288 4.92 18.46 -3.48
N VAL A 289 4.01 18.01 -2.61
CA VAL A 289 2.58 18.12 -2.90
CA VAL A 289 2.59 18.12 -2.94
C VAL A 289 2.13 19.58 -2.89
N SER A 290 2.65 20.37 -1.95
CA SER A 290 2.27 21.77 -1.89
C SER A 290 2.74 22.50 -3.14
N GLU A 291 3.98 22.25 -3.54
CA GLU A 291 4.53 22.95 -4.69
C GLU A 291 3.88 22.45 -5.97
N ALA A 292 3.56 21.15 -6.04
CA ALA A 292 2.86 20.62 -7.20
C ALA A 292 1.48 21.26 -7.34
N ALA A 293 0.76 21.44 -6.22
CA ALA A 293 -0.54 22.08 -6.28
C ALA A 293 -0.41 23.51 -6.81
N LYS A 294 0.61 24.24 -6.38
CA LYS A 294 0.83 25.59 -6.87
C LYS A 294 1.13 25.61 -8.38
N MET A 295 1.99 24.70 -8.85
CA MET A 295 2.30 24.66 -10.28
C MET A 295 1.07 24.35 -11.10
N ILE A 296 0.24 23.41 -10.62
CA ILE A 296 -1.00 23.07 -11.31
C ILE A 296 -1.91 24.29 -11.39
N SER A 297 -2.00 25.02 -10.28
CA SER A 297 -2.89 26.19 -10.22
C SER A 297 -2.48 27.25 -11.24
N THR A 298 -1.19 27.56 -11.32
CA THR A 298 -0.77 28.63 -12.23
C THR A 298 -0.98 28.27 -13.68
N ARG A 299 -1.12 26.98 -13.98
CA ARG A 299 -1.36 26.55 -15.35
C ARG A 299 -2.83 26.23 -15.62
N ASP A 300 -3.69 26.34 -14.60
CA ASP A 300 -5.13 26.06 -14.75
C ASP A 300 -5.41 24.66 -15.30
N LEU A 301 -4.67 23.70 -14.86
CA LEU A 301 -4.91 22.35 -15.33
C LEU A 301 -5.87 21.62 -14.38
N PRO A 302 -6.69 20.67 -14.90
CA PRO A 302 -7.74 20.01 -14.11
C PRO A 302 -7.21 18.82 -13.30
N ILE A 303 -6.35 19.15 -12.33
CA ILE A 303 -5.75 18.16 -11.43
C ILE A 303 -5.79 18.76 -10.02
N GLU A 304 -6.12 17.93 -9.03
CA GLU A 304 -6.08 18.31 -7.62
C GLU A 304 -5.10 17.38 -6.90
N MET A 305 -4.38 17.90 -5.93
CA MET A 305 -3.51 17.01 -5.17
C MET A 305 -4.25 16.58 -3.91
N ALA A 306 -4.16 15.29 -3.60
CA ALA A 306 -4.77 14.73 -2.40
C ALA A 306 -3.69 14.03 -1.58
N GLY A 307 -3.84 14.06 -0.25
CA GLY A 307 -2.82 13.45 0.60
C GLY A 307 -1.60 14.33 0.73
N THR A 308 -0.53 13.72 1.23
CA THR A 308 0.67 14.46 1.62
C THR A 308 1.73 13.44 2.02
N GLY A 309 2.95 13.93 2.23
CA GLY A 309 4.01 13.08 2.80
C GLY A 309 4.31 11.86 1.96
N ALA A 310 4.21 10.69 2.59
CA ALA A 310 4.56 9.44 1.94
C ALA A 310 3.45 8.87 1.08
N ALA A 311 2.24 9.48 1.10
CA ALA A 311 1.10 8.92 0.37
C ALA A 311 0.26 10.08 -0.19
N PHE A 312 0.43 10.35 -1.48
CA PHE A 312 -0.33 11.42 -2.12
C PHE A 312 -0.78 10.95 -3.49
N GLN A 313 -1.71 11.69 -4.08
CA GLN A 313 -2.33 11.25 -5.32
C GLN A 313 -2.60 12.47 -6.20
N PHE A 314 -2.38 12.30 -7.52
CA PHE A 314 -2.82 13.30 -8.51
C PHE A 314 -4.26 12.95 -8.86
N VAL A 315 -5.22 13.73 -8.36
CA VAL A 315 -6.64 13.43 -8.55
C VAL A 315 -7.11 14.11 -9.84
N CYS A 316 -7.64 13.32 -10.77
CA CYS A 316 -8.08 13.90 -12.03
C CYS A 316 -8.93 12.87 -12.77
N ALA A 317 -9.61 13.36 -13.79
CA ALA A 317 -10.35 12.48 -14.69
C ALA A 317 -9.42 11.49 -15.37
N GLU A 318 -9.92 10.29 -15.64
CA GLU A 318 -9.13 9.30 -16.38
C GLU A 318 -8.61 9.88 -17.70
N GLU A 319 -9.43 10.69 -18.37
CA GLU A 319 -9.02 11.34 -19.61
C GLU A 319 -7.81 12.24 -19.39
N VAL A 320 -7.76 12.93 -18.25
CA VAL A 320 -6.63 13.81 -17.95
C VAL A 320 -5.43 13.00 -17.51
N GLU A 321 -5.66 11.97 -16.70
CA GLU A 321 -4.55 11.14 -16.25
C GLU A 321 -3.82 10.52 -17.44
N GLU A 322 -4.56 10.12 -18.47
CA GLU A 322 -3.94 9.51 -19.65
C GLU A 322 -3.05 10.48 -20.41
N VAL A 323 -3.17 11.78 -20.17
CA VAL A 323 -2.23 12.75 -20.73
C VAL A 323 -1.09 13.05 -19.76
N LEU A 324 -1.41 13.24 -18.47
CA LEU A 324 -0.39 13.57 -17.48
C LEU A 324 0.70 12.52 -17.44
N LEU A 325 0.31 11.25 -17.37
CA LEU A 325 1.30 10.18 -17.17
C LEU A 325 2.34 10.11 -18.29
N PRO A 326 1.97 10.12 -19.58
CA PRO A 326 3.01 10.12 -20.61
C PRO A 326 3.84 11.40 -20.64
N HIS A 327 3.21 12.55 -20.36
CA HIS A 327 3.99 13.79 -20.35
C HIS A 327 4.99 13.80 -19.21
N ALA A 328 4.60 13.29 -18.05
CA ALA A 328 5.55 13.11 -16.95
C ALA A 328 6.66 12.16 -17.34
N LEU A 329 6.32 11.02 -17.94
CA LEU A 329 7.35 10.06 -18.34
C LEU A 329 8.34 10.69 -19.33
N ALA A 330 7.85 11.49 -20.28
CA ALA A 330 8.72 12.13 -21.24
C ALA A 330 9.71 13.08 -20.55
N GLU A 331 9.35 13.63 -19.39
CA GLU A 331 10.28 14.48 -18.65
C GLU A 331 11.07 13.70 -17.60
N GLY A 332 11.01 12.37 -17.63
CA GLY A 332 11.77 11.58 -16.68
C GLY A 332 11.15 11.45 -15.31
N LEU A 333 9.82 11.41 -15.24
CA LEU A 333 9.12 11.22 -13.97
C LEU A 333 8.15 10.07 -14.12
N ILE A 334 8.37 8.99 -13.36
CA ILE A 334 7.52 7.81 -13.41
C ILE A 334 6.43 7.91 -12.34
N LEU A 335 5.18 7.94 -12.78
CA LEU A 335 4.05 7.98 -11.86
C LEU A 335 3.20 6.72 -12.01
N GLU A 336 2.57 6.28 -10.90
CA GLU A 336 1.63 5.16 -11.08
C GLU A 336 0.24 5.68 -11.40
N PRO A 337 -0.48 5.07 -12.34
CA PRO A 337 -1.83 5.54 -12.65
C PRO A 337 -2.85 4.99 -11.67
N SER A 338 -3.94 5.75 -11.49
CA SER A 338 -5.10 5.29 -10.74
C SER A 338 -4.74 4.85 -9.33
N ASP A 339 -3.77 5.54 -8.71
CA ASP A 339 -3.24 5.13 -7.41
C ASP A 339 -2.50 6.30 -6.79
N GLN A 340 -2.13 6.12 -5.52
CA GLN A 340 -1.20 7.03 -4.91
C GLN A 340 0.18 6.86 -5.55
N GLN A 341 1.05 7.82 -5.30
CA GLN A 341 2.47 7.67 -5.55
C GLN A 341 3.16 7.14 -4.27
N TYR A 342 4.36 6.59 -4.45
CA TYR A 342 5.08 5.87 -3.39
C TYR A 342 6.52 6.34 -3.28
N PRO A 343 6.74 7.58 -2.85
CA PRO A 343 8.12 8.04 -2.66
C PRO A 343 8.85 7.18 -1.64
N SER A 344 10.15 7.06 -1.82
CA SER A 344 11.02 6.34 -0.91
C SER A 344 11.85 7.32 -0.08
N ALA A 345 12.69 6.75 0.79
CA ALA A 345 13.61 7.53 1.61
C ALA A 345 14.51 8.41 0.76
N CYS A 346 14.78 8.00 -0.48
CA CYS A 346 15.67 8.82 -1.32
C CYS A 346 14.97 10.05 -1.89
N PHE A 347 13.66 10.15 -1.74
CA PHE A 347 12.88 11.31 -2.16
C PHE A 347 13.07 12.40 -1.11
N ARG A 348 14.27 12.97 -1.09
CA ARG A 348 14.60 14.00 -0.12
C ARG A 348 15.57 14.96 -0.77
N GLY A 349 15.73 16.12 -0.13
CA GLY A 349 16.69 17.12 -0.61
C GLY A 349 16.57 17.43 -2.08
N GLU A 350 17.69 17.35 -2.79
CA GLU A 350 17.74 17.76 -4.19
C GLU A 350 16.84 16.91 -5.07
N VAL A 351 16.53 15.69 -4.66
CA VAL A 351 15.69 14.86 -5.52
C VAL A 351 14.29 15.45 -5.62
N VAL A 352 13.80 16.03 -4.53
CA VAL A 352 12.47 16.64 -4.55
C VAL A 352 12.44 17.83 -5.50
N ASP A 353 13.50 18.66 -5.49
CA ASP A 353 13.60 19.76 -6.44
C ASP A 353 13.67 19.27 -7.88
N ASP A 354 14.47 18.22 -8.12
CA ASP A 354 14.52 17.61 -9.44
C ASP A 354 13.13 17.14 -9.89
N ALA A 355 12.40 16.46 -9.00
CA ALA A 355 11.07 15.97 -9.37
C ALA A 355 10.12 17.12 -9.69
N LEU A 356 10.20 18.21 -8.93
CA LEU A 356 9.34 19.35 -9.18
C LEU A 356 9.68 20.02 -10.51
N GLU A 357 10.98 20.11 -10.83
CA GLU A 357 11.37 20.70 -12.11
C GLU A 357 10.86 19.87 -13.27
N ARG A 358 10.91 18.54 -13.13
CA ARG A 358 10.39 17.66 -14.18
C ARG A 358 8.87 17.76 -14.28
N LEU A 359 8.18 17.80 -13.13
CA LEU A 359 6.73 17.98 -13.17
C LEU A 359 6.36 19.31 -13.82
N ASP A 360 7.11 20.37 -13.48
CA ASP A 360 6.89 21.70 -14.07
C ASP A 360 6.96 21.62 -15.60
N ARG A 361 8.01 20.98 -16.11
CA ARG A 361 8.14 20.83 -17.55
C ARG A 361 7.00 20.01 -18.13
N ALA A 362 6.58 18.95 -17.42
CA ALA A 362 5.50 18.12 -17.93
C ALA A 362 4.18 18.87 -17.96
N LEU A 363 3.93 19.70 -16.95
CA LEU A 363 2.67 20.44 -16.97
C LEU A 363 2.65 21.46 -18.09
N THR A 364 3.81 22.05 -18.40
CA THR A 364 3.91 23.00 -19.49
C THR A 364 3.66 22.35 -20.85
N THR A 365 4.33 21.23 -21.12
CA THR A 365 4.09 20.54 -22.39
CA THR A 365 4.09 20.57 -22.40
C THR A 365 2.67 20.01 -22.47
N MET A 366 2.11 19.60 -21.33
CA MET A 366 0.75 19.10 -21.34
C MET A 366 -0.25 20.22 -21.66
N ALA A 367 -0.04 21.42 -21.10
CA ALA A 367 -0.93 22.52 -21.43
C ALA A 367 -0.79 22.93 -22.89
N ALA A 368 0.42 22.85 -23.44
CA ALA A 368 0.66 23.26 -24.82
C ALA A 368 0.18 22.22 -25.82
N ALA A 369 0.30 20.94 -25.47
CA ALA A 369 -0.16 19.86 -26.33
C ALA A 369 -1.67 19.70 -26.30
N ARG A 370 -2.29 19.96 -25.16
CA ARG A 370 -3.73 19.75 -24.97
C ARG A 370 -4.38 21.00 -24.37
N PRO A 371 -4.36 22.12 -25.09
CA PRO A 371 -4.95 23.35 -24.54
C PRO A 371 -6.42 23.23 -24.21
N ASP A 372 -7.13 22.24 -24.75
CA ASP A 372 -8.54 22.08 -24.43
C ASP A 372 -8.77 21.66 -22.99
N LEU A 373 -7.75 21.15 -22.32
CA LEU A 373 -7.88 20.77 -20.91
C LEU A 373 -7.73 21.96 -19.98
N VAL A 374 -7.10 23.04 -20.44
CA VAL A 374 -6.89 24.21 -19.58
C VAL A 374 -8.24 24.81 -19.23
N GLY A 375 -8.47 25.02 -17.93
CA GLY A 375 -9.70 25.58 -17.44
C GLY A 375 -10.80 24.59 -17.15
N ARG A 376 -10.62 23.32 -17.49
CA ARG A 376 -11.58 22.30 -17.14
C ARG A 376 -11.68 22.14 -15.62
N GLU A 377 -12.87 21.80 -15.15
CA GLU A 377 -13.11 21.66 -13.73
C GLU A 377 -12.99 20.20 -13.31
N VAL A 378 -12.51 19.99 -12.08
CA VAL A 378 -12.52 18.66 -11.46
C VAL A 378 -13.89 18.48 -10.81
N THR A 379 -14.58 17.39 -11.14
CA THR A 379 -15.94 17.16 -10.66
C THR A 379 -15.96 16.23 -9.44
N GLN A 380 -17.10 16.23 -8.74
CA GLN A 380 -17.25 15.30 -7.62
C GLN A 380 -17.02 13.86 -8.09
N LEU A 381 -17.50 13.53 -9.29
CA LEU A 381 -17.37 12.15 -9.74
C LEU A 381 -15.90 11.82 -10.06
N ASP A 382 -15.16 12.79 -10.61
CA ASP A 382 -13.70 12.64 -10.74
C ASP A 382 -13.07 12.28 -9.41
N ARG A 383 -13.45 12.99 -8.33
CA ARG A 383 -12.82 12.74 -7.04
C ARG A 383 -13.21 11.38 -6.48
N VAL A 384 -14.47 11.00 -6.64
CA VAL A 384 -14.92 9.71 -6.12
C VAL A 384 -14.23 8.58 -6.86
N ASN A 385 -14.15 8.67 -8.19
CA ASN A 385 -13.46 7.68 -8.99
C ASN A 385 -12.01 7.56 -8.56
N ALA A 386 -11.33 8.69 -8.36
CA ALA A 386 -9.93 8.65 -7.95
C ALA A 386 -9.77 8.00 -6.59
N ALA A 387 -10.70 8.25 -5.67
CA ALA A 387 -10.65 7.64 -4.36
C ALA A 387 -10.91 6.14 -4.45
N PHE A 388 -11.91 5.74 -5.24
CA PHE A 388 -12.22 4.32 -5.35
C PHE A 388 -11.04 3.55 -5.92
N CYS A 389 -10.35 4.11 -6.92
CA CYS A 389 -9.16 3.46 -7.47
C CYS A 389 -8.08 3.30 -6.40
N GLN A 390 -7.85 4.33 -5.62
CA GLN A 390 -6.73 4.33 -4.70
C GLN A 390 -6.99 3.46 -3.48
N MET A 391 -8.16 3.57 -2.85
CA MET A 391 -8.40 2.85 -1.62
C MET A 391 -9.36 1.68 -1.76
N ASP A 392 -9.83 1.37 -2.99
CA ASP A 392 -10.70 0.22 -3.25
C ASP A 392 -11.97 0.26 -2.40
N GLY A 393 -12.49 1.48 -2.22
CA GLY A 393 -13.65 1.70 -1.39
C GLY A 393 -14.09 3.15 -1.54
N LEU A 394 -15.21 3.47 -0.90
CA LEU A 394 -15.71 4.84 -1.00
C LEU A 394 -15.20 5.66 0.19
N PRO A 395 -14.85 6.93 -0.05
CA PRO A 395 -14.33 7.80 1.02
C PRO A 395 -15.46 8.42 1.84
N GLY A 396 -16.22 7.57 2.51
CA GLY A 396 -17.49 7.97 3.08
C GLY A 396 -18.51 8.15 1.97
N ARG A 397 -19.75 8.31 2.36
CA ARG A 397 -20.81 8.52 1.38
C ARG A 397 -20.63 9.90 0.77
N PRO A 398 -20.48 10.03 -0.55
CA PRO A 398 -20.26 11.35 -1.14
C PRO A 398 -21.46 12.26 -0.93
N ASP A 399 -21.18 13.56 -0.88
CA ASP A 399 -22.21 14.53 -0.58
C ASP A 399 -23.33 14.45 -1.62
N GLY A 400 -24.56 14.36 -1.13
CA GLY A 400 -25.73 14.25 -1.98
C GLY A 400 -26.05 12.86 -2.45
N TRP A 401 -25.22 11.86 -2.13
CA TRP A 401 -25.47 10.49 -2.53
C TRP A 401 -26.26 9.74 -1.47
N SER A 402 -27.28 9.00 -1.90
CA SER A 402 -27.94 8.06 -1.00
C SER A 402 -27.08 6.80 -0.86
N LEU A 403 -27.35 6.03 0.19
CA LEU A 403 -26.65 4.76 0.32
C LEU A 403 -26.91 3.87 -0.88
N ASP A 404 -28.15 3.85 -1.39
CA ASP A 404 -28.45 3.07 -2.59
C ASP A 404 -27.58 3.50 -3.76
N GLN A 405 -27.36 4.82 -3.91
CA GLN A 405 -26.50 5.29 -5.00
C GLN A 405 -25.07 4.81 -4.80
N CYS A 406 -24.61 4.76 -3.54
CA CYS A 406 -23.27 4.25 -3.26
C CYS A 406 -23.15 2.79 -3.64
N VAL A 407 -24.16 2.00 -3.29
CA VAL A 407 -24.14 0.57 -3.64
C VAL A 407 -24.18 0.40 -5.16
N GLU A 408 -25.03 1.14 -5.87
CA GLU A 408 -25.04 0.99 -7.32
C GLU A 408 -23.72 1.45 -7.93
N TYR A 409 -23.11 2.51 -7.38
CA TYR A 409 -21.81 2.95 -7.88
C TYR A 409 -20.75 1.85 -7.74
N VAL A 410 -20.62 1.27 -6.56
CA VAL A 410 -19.56 0.29 -6.39
CA VAL A 410 -19.58 0.26 -6.34
C VAL A 410 -19.86 -0.96 -7.21
N THR A 411 -21.13 -1.34 -7.31
CA THR A 411 -21.49 -2.49 -8.14
C THR A 411 -21.05 -2.28 -9.58
N ALA A 412 -21.25 -1.08 -10.11
CA ALA A 412 -20.85 -0.76 -11.48
C ALA A 412 -19.34 -0.76 -11.67
N GLN A 413 -18.56 -0.64 -10.59
CA GLN A 413 -17.10 -0.67 -10.72
C GLN A 413 -16.55 -2.08 -10.88
N LEU A 414 -17.32 -3.10 -10.51
CA LEU A 414 -16.81 -4.46 -10.52
C LEU A 414 -16.97 -5.12 -11.89
C13 827 B . -4.56 -1.91 -4.82
C15 827 B . -2.21 -2.06 -4.97
C20 827 B . -3.14 0.16 -4.43
C22 827 B . -4.48 -0.54 -4.18
C24 827 B . -4.33 -2.75 -8.34
C02 827 B . -11.61 -4.07 -7.50
C04 827 B . -10.44 -4.02 -6.52
C06 827 B . -9.03 -5.29 -7.90
C11 827 B . -4.97 -2.94 -6.98
O17 827 B . -0.23 -2.83 -3.81
C18 827 B . -1.99 -0.81 -4.14
C27 827 B . -6.23 -4.05 -9.39
C09 827 B . -6.48 -3.03 -7.15
C31 827 B . -11.09 -4.27 -8.94
C01 827 B . -12.44 -2.79 -7.36
C16 827 B . -1.09 -3.09 -4.91
O14 827 B . -3.41 -2.69 -4.52
O12 827 B . -4.67 -1.76 -6.21
C26 827 B . -4.71 -3.89 -9.29
C08 827 B . -6.87 -4.21 -8.02
O10 827 B . -7.12 -3.17 -5.89
O07 827 B . -8.29 -4.14 -8.18
C29 827 B . -10.08 -5.43 -8.98
O05 827 B . -9.64 -5.20 -6.63
O03 827 B . -12.45 -5.18 -7.19
N32 827 B . -12.20 -4.49 -9.87
C33 827 B . -12.14 -3.65 -11.06
O30 827 B . -9.45 -5.48 -10.26
N28 827 B . -6.54 -5.24 -10.23
N25 827 B . -2.85 -2.72 -8.21
N23 827 B . -5.58 0.34 -4.68
O21 827 B . -3.06 1.31 -3.61
O19 827 B . -0.77 -0.24 -4.54
N1 PMP C . -3.11 -5.84 1.28
C2 PMP C . -2.84 -4.61 0.73
C2A PMP C . -3.39 -3.36 1.38
C3 PMP C . -2.27 -4.56 -0.53
O3 PMP C . -2.23 -3.35 -1.18
C4 PMP C . -1.77 -5.73 -1.09
C4A PMP C . -1.04 -5.67 -2.39
N4A PMP C . 0.32 -5.26 -2.12
C5 PMP C . -1.96 -6.97 -0.46
C6 PMP C . -2.62 -6.99 0.76
C5A PMP C . -1.44 -8.25 -1.07
O4P PMP C . -0.01 -8.25 -1.04
P PMP C . 0.83 -8.95 -2.21
O1P PMP C . 0.39 -10.40 -2.40
O2P PMP C . 0.64 -8.19 -3.47
O3P PMP C . 2.26 -8.95 -1.70
CL CL D . 3.25 -16.97 -1.17
#